data_4OFA
#
_entry.id   4OFA
#
_cell.length_a   41.561
_cell.length_b   55.534
_cell.length_c   104.212
_cell.angle_alpha   90.00
_cell.angle_beta   90.00
_cell.angle_gamma   90.00
#
_symmetry.space_group_name_H-M   'P 21 21 21'
#
loop_
_entity.id
_entity.type
_entity.pdbx_description
1 polymer 'Methyl-CpG-binding domain protein 4'
2 polymer '12-mer DNA(T)'
3 polymer '12-mer DNA(G)'
4 non-polymer 'MAGNESIUM ION'
5 water water
#
loop_
_entity_poly.entity_id
_entity_poly.type
_entity_poly.pdbx_seq_one_letter_code
_entity_poly.pdbx_strand_id
1 'polypeptide(L)'
;MGSSHHHHHHSSGLVPRGSHMASMTGGQQMGRGSEFMALSPPRRKAFKKWTPPRSPFNLVQETLFHDPWKLLIATIFLNR
TSGKMAIPVLWKFLEKYPSAEVARTADWRDVSELLKPLGLYDLRAKTIVKFSDEYLTKQWKYPIELHGIGKYGNDSYRIF
CVNEWKQVHPENHKLNKYHDWLWENHEKLSLS
;
A
2 'polydeoxyribonucleotide' (DC)(DC)(DA)(DG)(DC)(DG)(DT)(DG)(DC)(DA)(DG)(DC) C
3 'polydeoxyribonucleotide' (DG)(DC)(DT)(DG)(DC)(DG)(DC)(DG)(DC)(DT)(DG)(DG) D
#
loop_
_chem_comp.id
_chem_comp.type
_chem_comp.name
_chem_comp.formula
DA DNA linking 2'-DEOXYADENOSINE-5'-MONOPHOSPHATE 'C10 H14 N5 O6 P'
DC DNA linking 2'-DEOXYCYTIDINE-5'-MONOPHOSPHATE 'C9 H14 N3 O7 P'
DG DNA linking 2'-DEOXYGUANOSINE-5'-MONOPHOSPHATE 'C10 H14 N5 O7 P'
DT DNA linking THYMIDINE-5'-MONOPHOSPHATE 'C10 H15 N2 O8 P'
MG non-polymer 'MAGNESIUM ION' 'Mg 2'
#
# COMPACT_ATOMS: atom_id res chain seq x y z
N TRP A 50 -4.16 -17.52 1.02
CA TRP A 50 -2.74 -16.97 1.00
C TRP A 50 -2.62 -15.99 2.13
N THR A 51 -1.66 -16.33 3.02
CA THR A 51 -1.30 -15.50 4.10
C THR A 51 0.20 -15.26 3.95
N PRO A 52 0.57 -14.04 3.60
CA PRO A 52 1.99 -13.71 3.56
C PRO A 52 2.57 -13.81 5.01
N PRO A 53 3.73 -14.44 5.13
CA PRO A 53 4.32 -14.60 6.46
C PRO A 53 4.87 -13.29 7.06
N ARG A 54 4.85 -13.23 8.39
CA ARG A 54 5.51 -12.14 9.09
C ARG A 54 7.04 -12.36 8.93
N SER A 55 7.76 -11.27 8.74
CA SER A 55 9.21 -11.30 8.53
C SER A 55 9.92 -10.53 9.63
N PRO A 56 11.24 -10.69 9.72
CA PRO A 56 12.02 -9.92 10.70
C PRO A 56 12.15 -8.43 10.32
N PHE A 57 11.57 -8.04 9.18
CA PHE A 57 11.72 -6.70 8.66
C PHE A 57 10.48 -5.83 8.87
N ASN A 58 9.44 -6.48 9.37
CA ASN A 58 8.28 -5.75 9.82
C ASN A 58 7.73 -4.76 8.82
N LEU A 59 7.46 -5.24 7.64
CA LEU A 59 6.78 -4.41 6.62
C LEU A 59 5.33 -4.22 7.02
N VAL A 60 4.84 -2.99 6.91
CA VAL A 60 3.46 -2.75 7.30
C VAL A 60 2.49 -3.50 6.35
N GLN A 61 2.95 -3.85 5.16
CA GLN A 61 2.13 -4.65 4.24
C GLN A 61 1.73 -6.00 4.87
N GLU A 62 2.60 -6.54 5.73
CA GLU A 62 2.34 -7.78 6.40
C GLU A 62 1.04 -7.78 7.25
N THR A 63 0.61 -6.61 7.71
CA THR A 63 -0.57 -6.55 8.57
C THR A 63 -1.81 -6.05 7.84
N LEU A 64 -1.62 -5.54 6.63
CA LEU A 64 -2.70 -4.86 5.88
C LEU A 64 -3.29 -5.67 4.74
N PHE A 65 -2.75 -6.86 4.51
CA PHE A 65 -3.01 -7.62 3.26
C PHE A 65 -4.45 -8.06 3.10
N HIS A 66 -5.22 -8.09 4.17
CA HIS A 66 -6.58 -8.55 4.10
C HIS A 66 -7.47 -7.53 3.39
N ASP A 67 -7.05 -6.28 3.35
CA ASP A 67 -7.84 -5.20 2.72
C ASP A 67 -6.92 -4.55 1.69
N PRO A 68 -7.04 -4.96 0.41
CA PRO A 68 -6.14 -4.42 -0.59
C PRO A 68 -6.12 -2.90 -0.76
N TRP A 69 -7.28 -2.27 -0.50
CA TRP A 69 -7.32 -0.81 -0.59
C TRP A 69 -6.42 -0.22 0.53
N LYS A 70 -6.54 -0.75 1.75
CA LYS A 70 -5.72 -0.24 2.84
C LYS A 70 -4.24 -0.49 2.60
N LEU A 71 -3.91 -1.66 2.03
CA LEU A 71 -2.52 -1.95 1.77
C LEU A 71 -1.97 -0.95 0.73
N LEU A 72 -2.79 -0.67 -0.30
CA LEU A 72 -2.39 0.24 -1.37
C LEU A 72 -2.27 1.69 -0.88
N ILE A 73 -3.20 2.11 -0.02
CA ILE A 73 -3.09 3.41 0.61
C ILE A 73 -1.80 3.51 1.42
N ALA A 74 -1.48 2.44 2.14
CA ALA A 74 -0.24 2.46 2.88
C ALA A 74 0.97 2.65 1.96
N THR A 75 0.97 1.98 0.79
CA THR A 75 2.10 2.16 -0.11
C THR A 75 2.24 3.66 -0.53
N ILE A 76 1.08 4.33 -0.77
CA ILE A 76 1.07 5.70 -1.10
C ILE A 76 1.63 6.58 0.03
N PHE A 77 1.21 6.30 1.25
CA PHE A 77 1.75 6.98 2.42
C PHE A 77 3.29 6.84 2.55
N LEU A 78 3.80 5.72 2.03
CA LEU A 78 5.23 5.43 2.11
C LEU A 78 6.04 5.97 0.96
N ASN A 79 5.38 6.63 0.00
CA ASN A 79 6.15 7.20 -1.14
C ASN A 79 7.13 8.24 -0.61
N ARG A 80 8.44 7.91 -0.63
CA ARG A 80 9.48 8.85 -0.20
C ARG A 80 9.18 9.48 1.17
N THR A 81 8.70 8.63 2.07
CA THR A 81 8.32 9.09 3.43
C THR A 81 8.64 7.90 4.35
N SER A 82 9.25 8.16 5.52
CA SER A 82 9.61 7.06 6.42
C SER A 82 8.37 6.47 7.04
N GLY A 83 8.42 5.17 7.29
CA GLY A 83 7.33 4.50 7.94
C GLY A 83 7.15 5.02 9.37
N LYS A 84 8.22 5.45 10.04
CA LYS A 84 8.12 5.94 11.41
C LYS A 84 7.16 7.13 11.51
N MET A 85 7.11 7.94 10.46
CA MET A 85 6.25 9.08 10.37
C MET A 85 4.92 8.79 9.74
N ALA A 86 4.99 8.04 8.65
CA ALA A 86 3.79 7.81 7.85
C ALA A 86 2.77 6.90 8.52
N ILE A 87 3.26 5.83 9.18
CA ILE A 87 2.32 4.81 9.67
C ILE A 87 1.37 5.31 10.79
N PRO A 88 1.93 6.11 11.72
CA PRO A 88 0.95 6.71 12.68
C PRO A 88 -0.10 7.60 12.02
N VAL A 89 0.28 8.34 10.97
CA VAL A 89 -0.68 9.19 10.31
C VAL A 89 -1.70 8.34 9.50
N LEU A 90 -1.22 7.21 8.98
CA LEU A 90 -2.09 6.24 8.33
C LEU A 90 -3.26 5.79 9.19
N TRP A 91 -3.02 5.51 10.46
CA TRP A 91 -4.18 5.07 11.30
C TRP A 91 -5.20 6.19 11.49
N LYS A 92 -4.71 7.41 11.61
CA LYS A 92 -5.60 8.56 11.71
C LYS A 92 -6.38 8.74 10.42
N PHE A 93 -5.69 8.60 9.28
CA PHE A 93 -6.37 8.64 8.00
C PHE A 93 -7.50 7.60 7.91
N LEU A 94 -7.20 6.36 8.28
CA LEU A 94 -8.16 5.27 8.09
C LEU A 94 -9.35 5.35 9.09
N GLU A 95 -9.16 6.05 10.20
CA GLU A 95 -10.31 6.27 11.09
C GLU A 95 -11.32 7.22 10.45
N LYS A 96 -10.82 8.26 9.74
CA LYS A 96 -11.64 9.25 9.10
C LYS A 96 -12.22 8.78 7.78
N TYR A 97 -11.37 8.01 7.06
CA TYR A 97 -11.72 7.49 5.77
C TYR A 97 -11.53 5.97 5.76
N PRO A 98 -12.47 5.23 6.33
CA PRO A 98 -12.28 3.78 6.54
C PRO A 98 -12.34 2.93 5.30
N SER A 99 -12.76 3.49 4.18
CA SER A 99 -12.92 2.66 2.96
C SER A 99 -12.74 3.56 1.74
N ALA A 100 -12.55 2.91 0.59
CA ALA A 100 -12.48 3.63 -0.69
C ALA A 100 -13.74 4.44 -0.95
N GLU A 101 -14.85 3.88 -0.50
CA GLU A 101 -16.18 4.54 -0.63
C GLU A 101 -16.20 5.96 -0.03
N VAL A 102 -15.56 6.13 1.13
CA VAL A 102 -15.49 7.41 1.84
C VAL A 102 -14.43 8.29 1.26
N ALA A 103 -13.28 7.71 0.92
CA ALA A 103 -12.18 8.49 0.38
C ALA A 103 -12.56 9.10 -0.97
N ARG A 104 -13.27 8.34 -1.77
CA ARG A 104 -13.64 8.81 -3.13
C ARG A 104 -14.47 10.08 -3.11
N THR A 105 -15.21 10.26 -2.03
CA THR A 105 -16.08 11.42 -1.87
C THR A 105 -15.49 12.55 -1.06
N ALA A 106 -14.22 12.41 -0.61
CA ALA A 106 -13.59 13.41 0.22
C ALA A 106 -13.10 14.62 -0.59
N ASP A 107 -12.97 15.77 0.07
CA ASP A 107 -12.33 16.95 -0.52
C ASP A 107 -10.85 16.76 -0.24
N TRP A 108 -10.05 16.78 -1.29
CA TRP A 108 -8.62 16.55 -1.18
C TRP A 108 -7.91 17.58 -0.30
N ARG A 109 -8.49 18.79 -0.20
CA ARG A 109 -7.90 19.83 0.63
C ARG A 109 -7.99 19.44 2.11
N ASP A 110 -9.02 18.73 2.50
CA ASP A 110 -9.12 18.19 3.85
C ASP A 110 -8.16 17.09 4.11
N VAL A 111 -8.00 16.19 3.15
CA VAL A 111 -7.07 15.08 3.29
C VAL A 111 -5.69 15.67 3.39
N SER A 112 -5.42 16.69 2.58
CA SER A 112 -4.09 17.35 2.61
C SER A 112 -3.69 17.86 4.00
N GLU A 113 -4.62 18.47 4.71
CA GLU A 113 -4.35 18.97 6.05
C GLU A 113 -3.84 17.86 6.96
N LEU A 114 -4.39 16.65 6.77
CA LEU A 114 -3.96 15.53 7.63
C LEU A 114 -2.57 15.06 7.21
N LEU A 115 -2.32 15.07 5.91
CA LEU A 115 -1.02 14.63 5.37
C LEU A 115 0.11 15.62 5.51
N LYS A 116 -0.20 16.86 5.89
CA LYS A 116 0.77 17.93 5.93
C LYS A 116 2.15 17.56 6.53
N PRO A 117 2.18 16.94 7.72
CA PRO A 117 3.54 16.72 8.30
C PRO A 117 4.38 15.65 7.55
N LEU A 118 3.76 14.91 6.62
CA LEU A 118 4.41 13.87 5.79
C LEU A 118 5.02 14.42 4.53
N GLY A 119 4.75 15.65 4.17
CA GLY A 119 5.15 16.15 2.89
C GLY A 119 4.30 15.56 1.77
N LEU A 120 4.56 16.04 0.56
CA LEU A 120 3.83 15.56 -0.62
C LEU A 120 2.32 15.54 -0.35
N TYR A 121 1.81 16.58 0.34
CA TYR A 121 0.50 16.52 0.94
C TYR A 121 -0.62 16.84 -0.05
N ASP A 122 -0.43 17.80 -0.93
CA ASP A 122 -1.46 18.12 -1.94
C ASP A 122 -1.43 17.05 -3.03
N LEU A 123 -0.21 16.67 -3.44
CA LEU A 123 -0.04 15.60 -4.42
C LEU A 123 -0.75 14.34 -3.97
N ARG A 124 -0.43 13.87 -2.76
CA ARG A 124 -0.99 12.62 -2.32
C ARG A 124 -2.44 12.68 -1.95
N ALA A 125 -2.88 13.84 -1.45
CA ALA A 125 -4.30 13.97 -1.20
C ALA A 125 -5.13 13.79 -2.48
N LYS A 126 -4.72 14.46 -3.53
CA LYS A 126 -5.40 14.33 -4.81
C LYS A 126 -5.30 12.88 -5.31
N THR A 127 -4.10 12.30 -5.19
CA THR A 127 -3.92 10.90 -5.58
C THR A 127 -4.89 9.97 -4.86
N ILE A 128 -4.99 10.15 -3.55
CA ILE A 128 -5.79 9.25 -2.74
C ILE A 128 -7.28 9.27 -3.17
N VAL A 129 -7.79 10.46 -3.42
CA VAL A 129 -9.21 10.59 -3.82
C VAL A 129 -9.39 9.88 -5.19
N LYS A 130 -8.55 10.21 -6.19
CA LYS A 130 -8.68 9.67 -7.51
C LYS A 130 -8.45 8.15 -7.55
N PHE A 131 -7.41 7.67 -6.88
CA PHE A 131 -7.11 6.27 -6.73
C PHE A 131 -8.33 5.54 -6.17
N SER A 132 -8.91 6.10 -5.09
CA SER A 132 -10.01 5.46 -4.44
C SER A 132 -11.25 5.36 -5.36
N ASP A 133 -11.47 6.42 -6.14
CA ASP A 133 -12.52 6.41 -7.13
C ASP A 133 -12.31 5.30 -8.16
N GLU A 134 -11.11 5.26 -8.71
CA GLU A 134 -10.82 4.26 -9.73
C GLU A 134 -10.85 2.85 -9.20
N TYR A 135 -10.34 2.66 -7.99
CA TYR A 135 -10.37 1.36 -7.33
C TYR A 135 -11.75 0.73 -7.38
N LEU A 136 -12.75 1.56 -7.12
CA LEU A 136 -14.11 1.12 -7.06
C LEU A 136 -14.86 1.11 -8.36
N THR A 137 -14.51 2.00 -9.28
CA THR A 137 -15.36 2.22 -10.47
C THR A 137 -14.71 1.86 -11.80
N LYS A 138 -13.43 1.67 -11.83
CA LYS A 138 -12.71 1.31 -13.07
C LYS A 138 -12.47 -0.21 -13.07
N GLN A 139 -12.51 -0.83 -14.25
CA GLN A 139 -12.13 -2.23 -14.36
C GLN A 139 -10.61 -2.36 -14.28
N TRP A 140 -10.12 -3.19 -13.38
CA TRP A 140 -8.66 -3.44 -13.28
C TRP A 140 -8.38 -4.84 -12.81
N LYS A 141 -7.24 -5.38 -13.28
CA LYS A 141 -6.80 -6.67 -12.80
C LYS A 141 -5.65 -6.49 -11.80
N TYR A 142 -4.72 -5.60 -12.10
CA TYR A 142 -3.67 -5.25 -11.15
C TYR A 142 -3.69 -3.76 -10.86
N PRO A 143 -3.32 -3.37 -9.64
CA PRO A 143 -3.56 -1.96 -9.28
C PRO A 143 -2.65 -0.92 -9.91
N ILE A 144 -1.56 -1.37 -10.58
CA ILE A 144 -0.76 -0.48 -11.36
C ILE A 144 -1.59 0.22 -12.45
N GLU A 145 -2.71 -0.41 -12.82
CA GLU A 145 -3.61 0.20 -13.80
C GLU A 145 -4.32 1.43 -13.27
N LEU A 146 -4.25 1.64 -11.96
CA LEU A 146 -4.89 2.74 -11.28
C LEU A 146 -3.96 3.90 -11.01
N HIS A 147 -4.53 5.08 -11.05
CA HIS A 147 -3.81 6.32 -10.78
C HIS A 147 -3.17 6.36 -9.43
N GLY A 148 -1.87 6.55 -9.36
CA GLY A 148 -1.20 6.66 -8.06
C GLY A 148 -0.43 5.43 -7.62
N ILE A 149 -0.66 4.32 -8.26
CA ILE A 149 0.00 3.06 -7.96
C ILE A 149 0.93 2.74 -9.14
N GLY A 150 2.20 2.63 -8.81
CA GLY A 150 3.27 2.21 -9.76
C GLY A 150 3.79 0.85 -9.42
N LYS A 151 5.01 0.55 -9.90
CA LYS A 151 5.59 -0.78 -9.69
C LYS A 151 5.70 -1.16 -8.21
N TYR A 152 6.07 -0.21 -7.36
CA TYR A 152 6.27 -0.55 -5.94
C TYR A 152 4.92 -0.97 -5.33
N GLY A 153 3.91 -0.17 -5.52
CA GLY A 153 2.57 -0.57 -5.00
C GLY A 153 2.05 -1.84 -5.61
N ASN A 154 2.28 -2.01 -6.92
CA ASN A 154 1.84 -3.18 -7.62
C ASN A 154 2.59 -4.46 -7.14
N ASP A 155 3.89 -4.32 -7.00
CA ASP A 155 4.67 -5.45 -6.48
C ASP A 155 4.23 -5.81 -5.03
N SER A 156 3.93 -4.79 -4.21
CA SER A 156 3.39 -5.02 -2.89
C SER A 156 2.09 -5.84 -2.96
N TYR A 157 1.16 -5.41 -3.82
CA TYR A 157 -0.10 -6.10 -3.99
C TYR A 157 0.13 -7.57 -4.41
N ARG A 158 1.05 -7.77 -5.38
CA ARG A 158 1.29 -9.09 -5.90
C ARG A 158 2.02 -10.05 -4.95
N ILE A 159 2.70 -9.50 -3.97
CA ILE A 159 3.37 -10.32 -2.93
C ILE A 159 2.39 -10.60 -1.78
N PHE A 160 1.58 -9.58 -1.43
CA PHE A 160 0.83 -9.65 -0.18
C PHE A 160 -0.64 -10.00 -0.31
N CYS A 161 -1.28 -9.46 -1.35
CA CYS A 161 -2.75 -9.56 -1.50
C CYS A 161 -3.22 -10.75 -2.33
N VAL A 162 -2.31 -11.21 -3.23
CA VAL A 162 -2.56 -12.39 -4.05
C VAL A 162 -1.26 -13.22 -3.94
N ASN A 163 -1.33 -14.48 -4.35
CA ASN A 163 -0.23 -15.40 -4.24
C ASN A 163 0.61 -15.39 -5.51
N GLU A 164 1.24 -14.27 -5.78
CA GLU A 164 2.09 -14.12 -6.96
C GLU A 164 3.54 -13.81 -6.65
N TRP A 165 3.92 -13.94 -5.36
CA TRP A 165 5.24 -13.52 -4.95
C TRP A 165 6.39 -14.16 -5.75
N LYS A 166 6.21 -15.40 -6.20
CA LYS A 166 7.26 -16.08 -6.96
C LYS A 166 7.51 -15.43 -8.34
N GLN A 167 6.53 -14.69 -8.84
CA GLN A 167 6.59 -14.01 -10.14
C GLN A 167 7.08 -12.56 -10.10
N VAL A 168 7.17 -12.01 -8.89
CA VAL A 168 7.48 -10.61 -8.65
C VAL A 168 8.99 -10.42 -8.58
N HIS A 169 9.47 -9.36 -9.20
CA HIS A 169 10.85 -8.98 -9.22
C HIS A 169 11.00 -7.54 -8.73
N PRO A 170 11.00 -7.35 -7.40
CA PRO A 170 10.95 -5.97 -6.91
C PRO A 170 12.21 -5.16 -7.19
N GLU A 171 12.05 -3.85 -7.17
CA GLU A 171 13.14 -2.87 -7.24
C GLU A 171 13.10 -1.87 -6.10
N ASN A 172 12.38 -2.21 -5.06
CA ASN A 172 12.30 -1.40 -3.85
C ASN A 172 13.06 -2.13 -2.77
N HIS A 173 13.98 -1.45 -2.11
CA HIS A 173 14.88 -2.13 -1.16
C HIS A 173 14.15 -2.90 -0.09
N LYS A 174 13.18 -2.27 0.57
CA LYS A 174 12.46 -2.98 1.60
C LYS A 174 11.72 -4.22 1.10
N LEU A 175 11.03 -4.09 -0.05
CA LEU A 175 10.36 -5.23 -0.62
C LEU A 175 11.33 -6.32 -1.02
N ASN A 176 12.48 -5.94 -1.49
CA ASN A 176 13.50 -6.93 -1.87
C ASN A 176 13.99 -7.66 -0.62
N LYS A 177 14.14 -6.97 0.52
CA LYS A 177 14.51 -7.69 1.75
C LYS A 177 13.46 -8.74 2.10
N TYR A 178 12.18 -8.37 2.03
CA TYR A 178 11.11 -9.33 2.28
C TYR A 178 11.10 -10.44 1.30
N HIS A 179 11.17 -10.08 0.01
CA HIS A 179 11.03 -11.06 -1.07
C HIS A 179 12.23 -12.06 -1.10
N ASP A 180 13.45 -11.55 -0.91
CA ASP A 180 14.59 -12.43 -0.78
C ASP A 180 14.43 -13.42 0.36
N TRP A 181 13.93 -12.91 1.49
CA TRP A 181 13.82 -13.69 2.68
C TRP A 181 12.76 -14.76 2.44
N LEU A 182 11.69 -14.42 1.70
CA LEU A 182 10.67 -15.40 1.34
C LEU A 182 11.26 -16.57 0.55
N TRP A 183 12.06 -16.27 -0.49
CA TRP A 183 12.69 -17.33 -1.26
C TRP A 183 13.57 -18.20 -0.36
N GLU A 184 14.24 -17.57 0.59
CA GLU A 184 15.16 -18.33 1.47
C GLU A 184 14.47 -19.17 2.53
N ASN A 185 13.22 -18.84 2.84
CA ASN A 185 12.56 -19.48 3.97
C ASN A 185 11.24 -20.15 3.64
N HIS A 186 10.79 -20.10 2.39
CA HIS A 186 9.44 -20.59 2.17
C HIS A 186 9.35 -22.12 2.39
N GLU A 187 10.43 -22.86 2.17
CA GLU A 187 10.44 -24.29 2.42
C GLU A 187 10.19 -24.45 3.92
N LYS A 188 10.99 -23.79 4.76
CA LYS A 188 10.81 -23.92 6.20
C LYS A 188 9.44 -23.55 6.66
N LEU A 189 8.82 -22.61 5.97
CA LEU A 189 7.51 -22.14 6.36
C LEU A 189 6.38 -22.94 5.72
N SER A 190 6.74 -23.85 4.84
CA SER A 190 5.80 -24.70 4.10
C SER A 190 4.95 -23.93 3.09
N LEU A 191 5.57 -22.99 2.40
CA LEU A 191 4.95 -22.32 1.26
C LEU A 191 5.84 -22.60 0.04
MG MG D . -0.73 3.49 -12.00
#